data_7F49
#
_entry.id   7F49
#
_cell.length_a   64.980
_cell.length_b   122.404
_cell.length_c   42.330
_cell.angle_alpha   90.000
_cell.angle_beta   90.000
_cell.angle_gamma   90.000
#
_symmetry.space_group_name_H-M   'P 21 21 2'
#
loop_
_entity.id
_entity.type
_entity.pdbx_description
1 polymer 'von Willebrand factor'
2 polymer BT-100
3 non-polymer GLYCEROL
4 water water
#
loop_
_entity_poly.entity_id
_entity_poly.type
_entity_poly.pdbx_seq_one_letter_code
_entity_poly.pdbx_strand_id
1 'polypeptide(L)'
;MEDISEPPLHDFYCSRLLDLVFLLDGSSRLSEAEFEVLKAFVVDMMERLRISQKWVRVAVVEYHDGSHAYIGLKDRKRPS
ELRRIASQVKYAGSQVASTSEVLKYTLFQIFSKIDRPEASRIALLLMASQEPQRMSRNFVRYVQGLKKKKVIVIPVGIGP
HANLKQIRLIEKQAPENKAFVLSSVDELEQQRDEIVSYLCDLAPEAPPPT
;
A
2 'polydeoxyribonucleotide'
;(OMG)(OMC)(OMC)(A2M)(OMG)(OMG)(OMG)(A2M)(OMC)(OMC)(OMU)(A2M)(A2M)(OMG)(A2M)(OMC)
(A2M)(OMC)(A2M)(OMU)(OMG)(OMU)(OMC)(OMC)(OMC)(OMU)(OMG)(OMG)(OMC)(DT)
;
B
#
loop_
_chem_comp.id
_chem_comp.type
_chem_comp.name
_chem_comp.formula
A2M RNA linking '2'-O-methyladenosine 5'-(dihydrogen phosphate)' 'C11 H16 N5 O7 P'
DT DNA linking THYMIDINE-5'-MONOPHOSPHATE 'C10 H15 N2 O8 P'
GOL non-polymer GLYCEROL 'C3 H8 O3'
OMC RNA linking O2'-METHYLYCYTIDINE-5'-MONOPHOSPHATE 'C10 H16 N3 O8 P'
OMG RNA linking O2'-METHYLGUANOSINE-5'-MONOPHOSPHATE 'C11 H16 N5 O8 P'
OMU RNA linking 'O2'-METHYLURIDINE 5'-MONOPHOSPHATE' 'C10 H15 N2 O9 P'
#
# COMPACT_ATOMS: atom_id res chain seq x y z
N HIS A 10 -16.76 0.01 -12.57
CA HIS A 10 -18.16 0.54 -12.68
C HIS A 10 -18.40 1.57 -11.58
N ASP A 11 -19.63 1.67 -11.07
CA ASP A 11 -20.00 2.49 -9.88
C ASP A 11 -19.81 1.63 -8.62
N PHE A 12 -18.67 0.94 -8.53
CA PHE A 12 -18.32 0.00 -7.44
C PHE A 12 -17.81 0.79 -6.23
N TYR A 13 -18.25 0.43 -5.03
CA TYR A 13 -17.68 0.89 -3.74
C TYR A 13 -17.58 -0.31 -2.79
N CYS A 14 -16.58 -0.28 -1.90
CA CYS A 14 -16.18 -1.41 -1.03
C CYS A 14 -16.67 -1.18 0.40
N SER A 15 -17.60 -2.02 0.86
CA SER A 15 -18.11 -2.06 2.27
C SER A 15 -17.85 -3.46 2.85
N ARG A 16 -16.58 -3.79 3.06
CA ARG A 16 -16.11 -5.07 3.67
C ARG A 16 -15.32 -4.75 4.94
N LEU A 17 -15.05 -5.77 5.76
CA LEU A 17 -14.19 -5.70 6.97
C LEU A 17 -12.73 -5.78 6.50
N LEU A 18 -12.08 -4.64 6.28
CA LEU A 18 -10.78 -4.53 5.58
C LEU A 18 -9.92 -3.45 6.25
N ASP A 19 -8.67 -3.79 6.57
CA ASP A 19 -7.59 -2.83 6.91
C ASP A 19 -6.66 -2.71 5.70
N LEU A 20 -6.77 -1.60 4.95
CA LEU A 20 -5.97 -1.35 3.72
C LEU A 20 -4.87 -0.32 4.02
N VAL A 21 -3.62 -0.71 3.78
CA VAL A 21 -2.39 0.11 4.00
C VAL A 21 -1.83 0.50 2.63
N PHE A 22 -1.70 1.80 2.36
CA PHE A 22 -1.04 2.38 1.15
C PHE A 22 0.42 2.69 1.50
N LEU A 23 1.37 2.08 0.78
CA LEU A 23 2.82 2.32 0.95
C LEU A 23 3.36 2.98 -0.33
N LEU A 24 3.72 4.27 -0.22
CA LEU A 24 4.09 5.14 -1.37
C LEU A 24 5.61 5.30 -1.43
N ASP A 25 6.21 4.88 -2.55
CA ASP A 25 7.65 5.05 -2.87
C ASP A 25 8.00 6.54 -2.80
N GLY A 26 8.91 6.92 -1.89
CA GLY A 26 9.32 8.32 -1.67
C GLY A 26 10.65 8.66 -2.32
N SER A 27 11.15 7.82 -3.22
CA SER A 27 12.45 8.02 -3.94
C SER A 27 12.27 9.00 -5.09
N SER A 28 13.39 9.44 -5.67
CA SER A 28 13.48 10.36 -6.84
C SER A 28 13.22 9.60 -8.15
N ARG A 29 12.98 8.28 -8.08
CA ARG A 29 12.52 7.46 -9.24
C ARG A 29 11.17 8.00 -9.73
N LEU A 30 10.37 8.59 -8.83
CA LEU A 30 9.20 9.43 -9.19
C LEU A 30 9.61 10.91 -9.04
N SER A 31 9.38 11.71 -10.09
CA SER A 31 9.43 13.19 -10.05
C SER A 31 8.32 13.68 -9.09
N GLU A 32 8.41 14.94 -8.65
CA GLU A 32 7.34 15.59 -7.84
C GLU A 32 6.01 15.42 -8.57
N ALA A 33 5.99 15.63 -9.90
CA ALA A 33 4.80 15.50 -10.78
C ALA A 33 4.25 14.08 -10.72
N GLU A 34 5.10 13.08 -11.00
CA GLU A 34 4.73 11.63 -10.96
C GLU A 34 4.17 11.27 -9.59
N PHE A 35 4.72 11.86 -8.50
CA PHE A 35 4.31 11.59 -7.10
C PHE A 35 2.92 12.17 -6.84
N GLU A 36 2.59 13.32 -7.43
CA GLU A 36 1.23 13.92 -7.35
C GLU A 36 0.20 12.95 -7.94
N VAL A 37 0.55 12.28 -9.05
CA VAL A 37 -0.33 11.32 -9.78
C VAL A 37 -0.51 10.07 -8.90
N LEU A 38 0.54 9.65 -8.19
CA LEU A 38 0.49 8.52 -7.23
C LEU A 38 -0.49 8.85 -6.10
N LYS A 39 -0.38 10.06 -5.52
CA LYS A 39 -1.28 10.54 -4.42
C LYS A 39 -2.72 10.62 -4.93
N ALA A 40 -2.93 11.15 -6.13
CA ALA A 40 -4.25 11.26 -6.79
C ALA A 40 -4.90 9.87 -6.86
N PHE A 41 -4.10 8.84 -7.20
CA PHE A 41 -4.56 7.42 -7.31
C PHE A 41 -5.03 6.94 -5.93
N VAL A 42 -4.23 7.19 -4.89
CA VAL A 42 -4.58 6.84 -3.47
C VAL A 42 -5.90 7.51 -3.10
N VAL A 43 -6.04 8.82 -3.40
CA VAL A 43 -7.27 9.61 -3.12
C VAL A 43 -8.44 8.98 -3.88
N ASP A 44 -8.26 8.73 -5.18
CA ASP A 44 -9.28 8.13 -6.08
C ASP A 44 -9.73 6.78 -5.51
N MET A 45 -8.78 5.97 -5.02
CA MET A 45 -9.04 4.66 -4.38
C MET A 45 -9.88 4.85 -3.12
N MET A 46 -9.48 5.78 -2.26
CA MET A 46 -10.16 6.07 -0.96
C MET A 46 -11.61 6.53 -1.18
N GLU A 47 -11.90 7.15 -2.32
CA GLU A 47 -13.27 7.62 -2.68
C GLU A 47 -14.19 6.43 -3.01
N ARG A 48 -13.62 5.24 -3.25
CA ARG A 48 -14.35 3.99 -3.55
C ARG A 48 -14.30 3.05 -2.34
N LEU A 49 -13.91 3.56 -1.17
CA LEU A 49 -13.84 2.81 0.12
C LEU A 49 -14.91 3.36 1.08
N ARG A 50 -15.58 2.48 1.82
CA ARG A 50 -16.47 2.84 2.96
C ARG A 50 -15.57 2.96 4.21
N ILE A 51 -14.93 4.12 4.38
CA ILE A 51 -13.89 4.35 5.42
C ILE A 51 -14.58 4.56 6.78
N SER A 52 -14.33 3.65 7.73
CA SER A 52 -14.93 3.62 9.09
C SER A 52 -14.27 2.51 9.91
N GLN A 53 -14.25 2.66 11.24
CA GLN A 53 -13.68 1.66 12.19
C GLN A 53 -14.48 0.34 12.09
N LYS A 54 -15.72 0.40 11.59
CA LYS A 54 -16.63 -0.78 11.46
C LYS A 54 -16.54 -1.39 10.05
N TRP A 55 -15.98 -0.67 9.07
CA TRP A 55 -15.91 -1.09 7.65
C TRP A 55 -14.45 -1.09 7.17
N VAL A 56 -14.08 -0.23 6.21
CA VAL A 56 -12.69 -0.14 5.68
C VAL A 56 -11.90 0.85 6.55
N ARG A 57 -10.84 0.39 7.20
CA ARG A 57 -9.84 1.25 7.87
C ARG A 57 -8.67 1.44 6.91
N VAL A 58 -8.08 2.64 6.89
CA VAL A 58 -6.99 3.02 5.94
C VAL A 58 -5.77 3.50 6.73
N ALA A 59 -4.58 3.20 6.22
CA ALA A 59 -3.28 3.77 6.64
C ALA A 59 -2.54 4.24 5.39
N VAL A 60 -1.76 5.31 5.50
CA VAL A 60 -0.93 5.86 4.39
C VAL A 60 0.46 6.17 4.94
N VAL A 61 1.48 5.58 4.31
CA VAL A 61 2.92 5.73 4.68
C VAL A 61 3.69 6.08 3.40
N GLU A 62 4.51 7.12 3.45
CA GLU A 62 5.56 7.40 2.44
C GLU A 62 6.85 6.78 2.97
N TYR A 63 7.52 5.93 2.17
CA TYR A 63 8.76 5.23 2.59
C TYR A 63 9.92 5.68 1.69
N HIS A 64 11.00 6.08 2.36
CA HIS A 64 12.36 6.30 1.80
C HIS A 64 13.27 5.25 2.46
N ASP A 65 14.36 5.66 3.11
CA ASP A 65 15.21 4.77 3.94
C ASP A 65 14.54 4.56 5.31
N GLY A 66 13.58 5.41 5.65
CA GLY A 66 12.66 5.25 6.80
C GLY A 66 11.22 5.40 6.35
N SER A 67 10.27 5.23 7.27
CA SER A 67 8.81 5.29 7.02
C SER A 67 8.21 6.55 7.66
N HIS A 68 7.42 7.30 6.90
CA HIS A 68 6.68 8.50 7.35
C HIS A 68 5.17 8.21 7.26
N ALA A 69 4.54 7.85 8.38
CA ALA A 69 3.10 7.53 8.48
C ALA A 69 2.32 8.85 8.55
N TYR A 70 1.32 9.02 7.67
CA TYR A 70 0.42 10.19 7.61
C TYR A 70 -0.95 9.84 8.20
N ILE A 71 -1.41 8.60 7.98
CA ILE A 71 -2.71 8.09 8.50
C ILE A 71 -2.46 6.73 9.15
N GLY A 72 -2.99 6.55 10.37
CA GLY A 72 -3.05 5.25 11.08
C GLY A 72 -4.45 4.65 10.95
N LEU A 73 -4.56 3.34 11.09
CA LEU A 73 -5.83 2.57 10.93
C LEU A 73 -6.87 3.04 11.97
N LYS A 74 -6.43 3.42 13.18
CA LYS A 74 -7.35 3.77 14.30
C LYS A 74 -7.41 5.29 14.48
N ASP A 75 -6.98 6.06 13.48
CA ASP A 75 -7.16 7.55 13.45
C ASP A 75 -8.66 7.83 13.28
N ARG A 76 -9.34 8.24 14.36
CA ARG A 76 -10.79 8.57 14.32
C ARG A 76 -10.92 10.01 13.83
N LYS A 77 -10.68 10.20 12.53
CA LYS A 77 -10.92 11.43 11.74
C LYS A 77 -11.90 11.08 10.62
N ARG A 78 -12.65 12.06 10.11
CA ARG A 78 -13.68 11.86 9.06
C ARG A 78 -12.97 11.53 7.75
N PRO A 79 -13.57 10.70 6.87
CA PRO A 79 -12.96 10.35 5.58
C PRO A 79 -12.52 11.56 4.74
N SER A 80 -13.33 12.62 4.71
CA SER A 80 -13.03 13.89 3.98
C SER A 80 -11.65 14.42 4.39
N GLU A 81 -11.35 14.39 5.69
CA GLU A 81 -10.06 14.86 6.27
C GLU A 81 -8.93 13.87 5.90
N LEU A 82 -9.23 12.57 5.91
CA LEU A 82 -8.25 11.50 5.57
C LEU A 82 -7.82 11.63 4.11
N ARG A 83 -8.77 11.92 3.20
CA ARG A 83 -8.49 12.09 1.75
C ARG A 83 -7.68 13.38 1.53
N ARG A 84 -7.90 14.40 2.37
CA ARG A 84 -7.13 15.68 2.32
C ARG A 84 -5.67 15.39 2.74
N ILE A 85 -5.47 14.69 3.85
CA ILE A 85 -4.11 14.35 4.40
C ILE A 85 -3.34 13.55 3.33
N ALA A 86 -4.00 12.60 2.67
CA ALA A 86 -3.43 11.77 1.58
C ALA A 86 -3.00 12.66 0.41
N SER A 87 -3.81 13.68 0.08
N SER A 87 -3.81 13.68 0.08
CA SER A 87 -3.58 14.63 -1.03
CA SER A 87 -3.59 14.63 -1.03
C SER A 87 -2.34 15.47 -0.78
C SER A 87 -2.32 15.46 -0.78
N GLN A 88 -2.04 15.79 0.48
CA GLN A 88 -0.92 16.71 0.87
C GLN A 88 0.27 15.93 1.45
N VAL A 89 0.37 14.62 1.20
CA VAL A 89 1.60 13.84 1.54
C VAL A 89 2.78 14.52 0.85
N LYS A 90 3.82 14.86 1.61
CA LYS A 90 5.00 15.65 1.12
C LYS A 90 5.87 14.77 0.23
N TYR A 91 6.28 15.30 -0.92
CA TYR A 91 7.30 14.71 -1.82
C TYR A 91 8.65 14.69 -1.09
N ALA A 92 9.27 13.52 -0.97
CA ALA A 92 10.59 13.31 -0.33
C ALA A 92 11.70 13.44 -1.38
N GLY A 93 11.59 12.67 -2.48
CA GLY A 93 12.60 12.62 -3.55
C GLY A 93 13.93 12.08 -3.04
N SER A 94 13.88 11.11 -2.11
CA SER A 94 15.05 10.50 -1.44
C SER A 94 15.88 9.71 -2.46
N GLN A 95 17.17 9.52 -2.17
CA GLN A 95 18.08 8.67 -2.99
C GLN A 95 17.63 7.21 -2.88
N VAL A 96 17.17 6.78 -1.70
CA VAL A 96 16.74 5.38 -1.43
C VAL A 96 15.28 5.35 -0.98
N ALA A 97 14.50 4.41 -1.54
CA ALA A 97 13.25 3.87 -0.99
C ALA A 97 13.47 2.38 -0.68
N SER A 98 13.27 1.98 0.58
CA SER A 98 13.52 0.59 1.05
C SER A 98 12.19 -0.14 1.26
N THR A 99 11.87 -1.05 0.35
CA THR A 99 10.70 -1.97 0.44
C THR A 99 10.84 -2.83 1.71
N SER A 100 12.06 -3.28 2.01
CA SER A 100 12.37 -4.07 3.23
C SER A 100 11.99 -3.25 4.47
N GLU A 101 12.44 -1.99 4.53
CA GLU A 101 12.19 -1.05 5.65
C GLU A 101 10.68 -0.90 5.88
N VAL A 102 9.91 -0.64 4.83
CA VAL A 102 8.45 -0.31 4.94
C VAL A 102 7.65 -1.59 5.23
N LEU A 103 8.12 -2.76 4.79
CA LEU A 103 7.46 -4.06 5.10
C LEU A 103 7.68 -4.39 6.58
N LYS A 104 8.91 -4.18 7.07
CA LYS A 104 9.30 -4.25 8.50
C LYS A 104 8.39 -3.34 9.33
N TYR A 105 8.22 -2.08 8.89
CA TYR A 105 7.33 -1.08 9.53
C TYR A 105 5.89 -1.61 9.58
N THR A 106 5.42 -2.20 8.48
CA THR A 106 4.05 -2.76 8.38
C THR A 106 3.89 -3.91 9.37
N LEU A 107 4.90 -4.79 9.43
CA LEU A 107 4.90 -6.03 10.25
C LEU A 107 4.91 -5.68 11.75
N PHE A 108 5.81 -4.79 12.17
CA PHE A 108 6.15 -4.55 13.60
C PHE A 108 5.43 -3.33 14.17
N GLN A 109 4.97 -2.39 13.33
CA GLN A 109 4.27 -1.16 13.82
C GLN A 109 2.79 -1.21 13.42
N ILE A 110 2.48 -1.10 12.12
CA ILE A 110 1.07 -1.02 11.65
C ILE A 110 0.30 -2.24 12.17
N PHE A 111 0.81 -3.46 11.96
CA PHE A 111 0.14 -4.73 12.36
C PHE A 111 0.91 -5.38 13.52
N SER A 112 1.48 -4.57 14.40
CA SER A 112 2.16 -4.98 15.67
C SER A 112 1.26 -5.96 16.43
N LYS A 113 0.00 -5.57 16.62
CA LYS A 113 -1.06 -6.36 17.30
C LYS A 113 -2.23 -6.58 16.33
N ILE A 114 -2.72 -7.82 16.23
CA ILE A 114 -3.92 -8.19 15.44
C ILE A 114 -5.13 -8.11 16.39
N ASP A 115 -5.60 -6.89 16.65
CA ASP A 115 -6.68 -6.57 17.62
C ASP A 115 -7.99 -6.29 16.88
N ARG A 116 -7.99 -6.42 15.54
CA ARG A 116 -9.21 -6.49 14.70
C ARG A 116 -9.15 -7.77 13.85
N PRO A 117 -9.19 -8.96 14.49
CA PRO A 117 -8.93 -10.22 13.78
C PRO A 117 -9.96 -10.59 12.70
N GLU A 118 -11.19 -10.06 12.78
CA GLU A 118 -12.30 -10.39 11.85
C GLU A 118 -12.07 -9.75 10.47
N ALA A 119 -11.27 -8.69 10.38
CA ALA A 119 -11.00 -7.95 9.13
C ALA A 119 -9.88 -8.64 8.35
N SER A 120 -9.92 -8.55 7.02
CA SER A 120 -8.77 -8.86 6.12
C SER A 120 -7.74 -7.72 6.23
N ARG A 121 -6.47 -8.04 6.05
CA ARG A 121 -5.34 -7.07 6.12
C ARG A 121 -4.60 -7.12 4.78
N ILE A 122 -4.52 -5.96 4.10
CA ILE A 122 -3.88 -5.81 2.76
C ILE A 122 -2.94 -4.61 2.80
N ALA A 123 -1.70 -4.81 2.35
CA ALA A 123 -0.71 -3.75 2.11
C ALA A 123 -0.52 -3.59 0.59
N LEU A 124 -0.92 -2.44 0.05
CA LEU A 124 -0.67 -2.06 -1.37
C LEU A 124 0.73 -1.43 -1.44
N LEU A 125 1.70 -2.17 -1.98
CA LEU A 125 3.12 -1.75 -2.06
C LEU A 125 3.38 -1.14 -3.44
N LEU A 126 3.31 0.19 -3.51
CA LEU A 126 3.45 0.97 -4.77
C LEU A 126 4.92 1.37 -4.93
N MET A 127 5.64 0.64 -5.80
CA MET A 127 7.13 0.64 -5.85
C MET A 127 7.60 1.06 -7.24
N ALA A 128 8.56 1.99 -7.27
CA ALA A 128 9.13 2.60 -8.50
C ALA A 128 10.66 2.47 -8.49
N SER A 129 11.24 1.70 -7.55
CA SER A 129 12.70 1.71 -7.30
C SER A 129 13.20 0.35 -6.83
N GLN A 130 14.53 0.21 -6.78
CA GLN A 130 15.28 -0.97 -6.28
C GLN A 130 16.22 -0.49 -5.17
N GLU A 131 16.02 -0.99 -3.95
CA GLU A 131 16.84 -0.64 -2.76
C GLU A 131 18.23 -1.27 -2.92
N PRO A 132 19.28 -0.69 -2.31
CA PRO A 132 20.59 -1.35 -2.27
C PRO A 132 20.43 -2.76 -1.68
N GLN A 133 21.20 -3.73 -2.19
CA GLN A 133 21.05 -5.16 -1.85
C GLN A 133 21.29 -5.36 -0.34
N ARG A 134 22.24 -4.62 0.24
CA ARG A 134 22.56 -4.62 1.69
C ARG A 134 21.25 -4.57 2.50
N MET A 135 20.30 -3.70 2.10
CA MET A 135 19.05 -3.43 2.83
C MET A 135 18.04 -4.58 2.66
N SER A 136 18.27 -5.48 1.69
CA SER A 136 17.32 -6.56 1.30
C SER A 136 17.58 -7.85 2.09
N ARG A 137 18.57 -7.84 2.99
CA ARG A 137 19.01 -9.01 3.80
C ARG A 137 17.80 -9.84 4.25
N ASN A 138 16.80 -9.20 4.85
CA ASN A 138 15.69 -9.88 5.57
C ASN A 138 14.36 -9.60 4.85
N PHE A 139 14.42 -9.26 3.57
CA PHE A 139 13.23 -8.92 2.74
C PHE A 139 12.22 -10.07 2.79
N VAL A 140 12.67 -11.29 2.46
CA VAL A 140 11.79 -12.50 2.35
C VAL A 140 11.16 -12.79 3.72
N ARG A 141 11.91 -12.63 4.81
CA ARG A 141 11.40 -12.91 6.19
C ARG A 141 10.31 -11.91 6.56
N TYR A 142 10.42 -10.64 6.14
CA TYR A 142 9.36 -9.62 6.39
C TYR A 142 8.10 -10.01 5.61
N VAL A 143 8.24 -10.41 4.35
CA VAL A 143 7.10 -10.84 3.48
C VAL A 143 6.42 -12.05 4.12
N GLN A 144 7.21 -13.03 4.59
CA GLN A 144 6.72 -14.28 5.24
C GLN A 144 6.09 -13.94 6.60
N GLY A 145 6.71 -13.02 7.36
CA GLY A 145 6.18 -12.53 8.64
C GLY A 145 4.80 -11.93 8.48
N LEU A 146 4.60 -11.14 7.42
CA LEU A 146 3.30 -10.51 7.07
C LEU A 146 2.29 -11.61 6.69
N LYS A 147 2.72 -12.63 5.92
CA LYS A 147 1.87 -13.80 5.55
C LYS A 147 1.36 -14.48 6.82
N LYS A 148 2.22 -14.62 7.84
CA LYS A 148 1.90 -15.34 9.10
C LYS A 148 0.95 -14.48 9.97
N LYS A 149 0.77 -13.21 9.64
CA LYS A 149 -0.28 -12.34 10.24
C LYS A 149 -1.46 -12.22 9.27
N LYS A 150 -1.50 -13.06 8.23
CA LYS A 150 -2.53 -13.07 7.17
C LYS A 150 -2.62 -11.67 6.53
N VAL A 151 -1.49 -10.97 6.43
CA VAL A 151 -1.40 -9.66 5.71
C VAL A 151 -1.10 -9.97 4.26
N ILE A 152 -2.03 -9.66 3.35
CA ILE A 152 -1.86 -9.80 1.89
C ILE A 152 -1.01 -8.62 1.41
N VAL A 153 0.13 -8.91 0.75
CA VAL A 153 1.03 -7.90 0.13
C VAL A 153 0.77 -7.89 -1.38
N ILE A 154 0.24 -6.78 -1.90
CA ILE A 154 -0.06 -6.60 -3.34
C ILE A 154 0.93 -5.60 -3.90
N PRO A 155 1.98 -6.07 -4.61
CA PRO A 155 2.98 -5.18 -5.20
C PRO A 155 2.45 -4.52 -6.48
N VAL A 156 2.53 -3.19 -6.54
CA VAL A 156 2.24 -2.38 -7.75
C VAL A 156 3.56 -1.79 -8.26
N GLY A 157 4.16 -2.43 -9.25
CA GLY A 157 5.33 -1.91 -9.99
C GLY A 157 4.90 -0.78 -10.90
N ILE A 158 5.48 0.41 -10.74
CA ILE A 158 5.04 1.64 -11.45
C ILE A 158 5.97 1.91 -12.64
N GLY A 159 7.22 2.31 -12.41
CA GLY A 159 8.13 2.77 -13.48
C GLY A 159 9.06 1.65 -13.95
N PRO A 160 10.04 1.96 -14.84
CA PRO A 160 11.00 0.97 -15.31
C PRO A 160 12.10 0.60 -14.31
N HIS A 161 12.13 1.21 -13.12
CA HIS A 161 13.14 0.96 -12.05
C HIS A 161 12.53 0.17 -10.88
N ALA A 162 11.26 -0.22 -10.98
CA ALA A 162 10.56 -1.08 -9.99
C ALA A 162 11.33 -2.41 -9.87
N ASN A 163 11.54 -2.87 -8.65
CA ASN A 163 12.32 -4.11 -8.34
C ASN A 163 11.47 -5.34 -8.72
N LEU A 164 11.60 -5.82 -9.96
CA LEU A 164 10.84 -6.98 -10.50
C LEU A 164 11.23 -8.24 -9.72
N LYS A 165 12.50 -8.37 -9.33
CA LYS A 165 13.00 -9.50 -8.51
C LYS A 165 12.14 -9.62 -7.25
N GLN A 166 11.96 -8.51 -6.52
CA GLN A 166 11.23 -8.48 -5.23
C GLN A 166 9.73 -8.66 -5.48
N ILE A 167 9.19 -8.14 -6.58
CA ILE A 167 7.75 -8.34 -6.95
C ILE A 167 7.50 -9.85 -7.09
N ARG A 168 8.37 -10.56 -7.81
CA ARG A 168 8.27 -12.03 -8.03
C ARG A 168 8.42 -12.75 -6.69
N LEU A 169 9.37 -12.34 -5.84
CA LEU A 169 9.63 -12.93 -4.50
C LEU A 169 8.38 -12.76 -3.61
N ILE A 170 7.61 -11.69 -3.80
CA ILE A 170 6.34 -11.43 -3.05
C ILE A 170 5.24 -12.36 -3.59
N GLU A 171 5.11 -12.45 -4.92
CA GLU A 171 4.08 -13.25 -5.62
C GLU A 171 4.12 -14.72 -5.16
N LYS A 172 5.31 -15.27 -4.97
CA LYS A 172 5.52 -16.73 -4.71
C LYS A 172 5.11 -17.10 -3.29
N GLN A 173 5.12 -16.15 -2.35
CA GLN A 173 4.94 -16.44 -0.90
C GLN A 173 3.49 -16.82 -0.60
N ALA A 174 2.53 -16.31 -1.38
CA ALA A 174 1.08 -16.58 -1.20
C ALA A 174 0.34 -16.33 -2.51
N PRO A 175 -0.69 -17.15 -2.85
CA PRO A 175 -1.45 -16.97 -4.10
C PRO A 175 -2.20 -15.63 -4.20
N GLU A 176 -2.60 -15.04 -3.07
CA GLU A 176 -3.39 -13.77 -3.03
C GLU A 176 -2.46 -12.55 -3.13
N ASN A 177 -1.14 -12.75 -3.11
CA ASN A 177 -0.13 -11.66 -3.29
C ASN A 177 0.02 -11.32 -4.78
N LYS A 178 -1.09 -11.04 -5.48
CA LYS A 178 -1.14 -10.77 -6.94
C LYS A 178 -0.36 -9.48 -7.25
N ALA A 179 0.52 -9.52 -8.25
CA ALA A 179 1.33 -8.36 -8.70
C ALA A 179 0.57 -7.56 -9.77
N PHE A 180 0.72 -6.24 -9.74
CA PHE A 180 0.31 -5.30 -10.82
C PHE A 180 1.54 -4.54 -11.30
N VAL A 181 2.02 -4.86 -12.51
CA VAL A 181 3.26 -4.28 -13.11
C VAL A 181 2.85 -3.28 -14.20
N LEU A 182 2.91 -1.98 -13.88
CA LEU A 182 2.54 -0.86 -14.78
C LEU A 182 3.82 -0.28 -15.40
N SER A 183 3.70 0.40 -16.55
CA SER A 183 4.81 1.04 -17.28
C SER A 183 5.10 2.43 -16.69
N SER A 184 4.09 3.10 -16.14
CA SER A 184 4.18 4.43 -15.48
C SER A 184 2.94 4.71 -14.62
N VAL A 185 3.01 5.77 -13.80
CA VAL A 185 1.92 6.23 -12.89
C VAL A 185 0.65 6.57 -13.69
N ASP A 186 0.80 6.96 -14.97
CA ASP A 186 -0.33 7.35 -15.86
C ASP A 186 -1.31 6.19 -16.06
N GLU A 187 -0.86 4.94 -15.85
CA GLU A 187 -1.69 3.71 -16.01
C GLU A 187 -2.47 3.40 -14.72
N LEU A 188 -2.18 4.08 -13.61
CA LEU A 188 -2.78 3.80 -12.28
C LEU A 188 -4.29 4.07 -12.31
N GLU A 189 -4.71 5.23 -12.82
CA GLU A 189 -6.13 5.68 -12.85
C GLU A 189 -6.96 4.70 -13.70
N GLN A 190 -6.32 4.06 -14.68
CA GLN A 190 -6.96 3.13 -15.65
C GLN A 190 -7.26 1.78 -14.98
N GLN A 191 -6.52 1.42 -13.92
CA GLN A 191 -6.63 0.10 -13.24
C GLN A 191 -7.24 0.26 -11.83
N ARG A 192 -7.66 1.46 -11.44
CA ARG A 192 -8.21 1.78 -10.09
C ARG A 192 -9.37 0.83 -9.77
N ASP A 193 -10.34 0.72 -10.69
CA ASP A 193 -11.56 -0.11 -10.52
C ASP A 193 -11.17 -1.59 -10.39
N GLU A 194 -10.28 -2.08 -11.25
CA GLU A 194 -9.77 -3.48 -11.23
C GLU A 194 -9.06 -3.76 -9.90
N ILE A 195 -8.15 -2.87 -9.49
CA ILE A 195 -7.33 -3.04 -8.26
C ILE A 195 -8.27 -3.02 -7.04
N VAL A 196 -9.13 -2.01 -6.92
CA VAL A 196 -10.01 -1.81 -5.74
C VAL A 196 -11.01 -2.98 -5.66
N SER A 197 -11.47 -3.47 -6.81
CA SER A 197 -12.39 -4.64 -6.94
C SER A 197 -11.69 -5.91 -6.42
N TYR A 198 -10.42 -6.12 -6.79
CA TYR A 198 -9.62 -7.29 -6.37
C TYR A 198 -9.42 -7.26 -4.86
N LEU A 199 -8.98 -6.12 -4.31
CA LEU A 199 -8.74 -5.92 -2.84
C LEU A 199 -10.00 -6.30 -2.08
N CYS A 200 -11.15 -5.78 -2.52
CA CYS A 200 -12.47 -5.87 -1.83
C CYS A 200 -12.95 -7.33 -1.79
N ASP A 201 -12.80 -8.07 -2.89
CA ASP A 201 -13.26 -9.48 -3.03
C ASP A 201 -12.42 -10.40 -2.13
N LEU A 202 -11.25 -9.95 -1.65
CA LEU A 202 -10.39 -10.69 -0.69
C LEU A 202 -10.91 -10.48 0.75
N ALA A 203 -11.73 -9.46 0.98
CA ALA A 203 -12.23 -9.07 2.32
C ALA A 203 -13.60 -9.71 2.57
N PRO A 204 -13.92 -10.08 3.84
CA PRO A 204 -15.23 -10.65 4.16
C PRO A 204 -16.32 -9.58 4.31
N GLU A 205 -17.55 -9.90 3.90
CA GLU A 205 -18.76 -9.07 4.12
C GLU A 205 -19.11 -9.13 5.61
N ALA A 206 -19.74 -8.07 6.14
CA ALA A 206 -20.20 -7.99 7.54
C ALA A 206 -21.37 -8.97 7.74
N PRO A 207 -21.58 -9.48 8.97
CA PRO A 207 -22.73 -10.35 9.25
C PRO A 207 -24.07 -9.63 9.06
P OMG B 1 36.66 -23.63 6.11
OP1 OMG B 1 36.09 -23.45 4.72
OP2 OMG B 1 35.69 -23.27 7.22
OP3 OMG B 1 37.40 -24.93 6.31
O5' OMG B 1 37.82 -22.53 6.18
C5' OMG B 1 38.24 -21.97 7.42
C4' OMG B 1 39.31 -20.92 7.19
O4' OMG B 1 40.38 -21.39 6.35
C3' OMG B 1 38.75 -19.70 6.49
O3' OMG B 1 38.14 -18.80 7.42
C2' OMG B 1 39.96 -19.12 5.78
O2' OMG B 1 40.68 -18.24 6.66
CM2 OMG B 1 41.79 -17.56 6.07
C1' OMG B 1 40.77 -20.37 5.42
N9 OMG B 1 40.47 -20.79 4.03
C8 OMG B 1 39.89 -21.96 3.66
N7 OMG B 1 39.76 -22.03 2.30
C5 OMG B 1 40.27 -20.90 1.78
C6 OMG B 1 40.43 -20.34 0.42
O6 OMG B 1 40.06 -20.96 -0.59
N1 OMG B 1 41.00 -19.13 0.31
C2 OMG B 1 41.41 -18.42 1.38
N2 OMG B 1 41.98 -17.20 1.19
N3 OMG B 1 41.28 -18.88 2.66
C4 OMG B 1 40.73 -20.09 2.92
N1 OMC B 2 38.95 -16.26 2.23
C2 OMC B 2 39.05 -16.11 0.83
N3 OMC B 2 38.47 -17.00 -0.01
C4 OMC B 2 37.77 -18.05 0.48
C5 OMC B 2 37.65 -18.21 1.85
C6 OMC B 2 38.24 -17.30 2.72
O2 OMC B 2 39.69 -15.14 0.35
N4 OMC B 2 37.19 -18.93 -0.37
C1' OMC B 2 39.59 -15.28 3.12
C2' OMC B 2 38.73 -14.03 3.22
O2' OMC B 2 39.52 -12.85 3.41
CM2 OMC B 2 40.23 -12.42 2.25
C3' OMC B 2 37.91 -14.32 4.47
C4' OMC B 2 38.95 -14.97 5.35
O4' OMC B 2 39.72 -15.78 4.46
O3' OMC B 2 37.34 -13.16 5.07
C5' OMC B 2 38.34 -15.78 6.49
O5' OMC B 2 37.55 -16.85 5.98
P OMC B 2 36.89 -17.91 6.97
OP1 OMC B 2 36.38 -17.18 8.20
OP2 OMC B 2 35.95 -18.77 6.18
N1 OMC B 3 36.14 -13.26 -0.51
C2 OMC B 3 35.87 -13.80 -1.80
N3 OMC B 3 35.29 -15.01 -1.92
C4 OMC B 3 34.95 -15.74 -0.84
C5 OMC B 3 35.21 -15.24 0.44
C6 OMC B 3 35.81 -13.99 0.58
O2 OMC B 3 36.17 -13.15 -2.82
N4 OMC B 3 34.36 -16.95 -0.97
C1' OMC B 3 36.79 -11.94 -0.39
C2' OMC B 3 35.76 -10.83 -0.53
O2' OMC B 3 36.31 -9.65 -1.10
CM2 OMC B 3 36.68 -9.75 -2.48
C3' OMC B 3 35.36 -10.61 0.91
C4' OMC B 3 36.72 -10.70 1.59
O4' OMC B 3 37.39 -11.76 0.89
O3' OMC B 3 34.73 -9.36 1.18
C5' OMC B 3 36.63 -10.96 3.08
O5' OMC B 3 35.87 -12.14 3.31
P OMC B 3 35.81 -12.78 4.77
OP1 OMC B 3 35.40 -11.70 5.75
OP2 OMC B 3 35.01 -14.06 4.70
P A2M B 4 33.13 -9.28 1.31
OP1 A2M B 4 32.78 -7.99 2.01
O5' A2M B 4 32.65 -9.18 -0.21
C5' A2M B 4 33.26 -8.23 -1.09
C4' A2M B 4 32.97 -8.60 -2.53
O4' A2M B 4 33.66 -9.78 -2.98
C3' A2M B 4 31.51 -8.95 -2.76
O3' A2M B 4 30.68 -7.79 -2.73
C2' A2M B 4 31.57 -9.69 -4.07
O2' A2M B 4 31.68 -8.80 -5.17
C1' A2M B 4 32.84 -10.50 -3.90
CM' A2M B 4 31.42 -9.39 -6.45
N9 A2M B 4 32.47 -11.84 -3.36
C8 A2M B 4 32.52 -12.21 -2.07
N7 A2M B 4 32.10 -13.49 -1.91
C5 A2M B 4 31.76 -13.96 -3.13
C6 A2M B 4 31.25 -15.23 -3.68
N6 A2M B 4 31.01 -16.28 -2.86
N1 A2M B 4 31.03 -15.30 -5.02
C2 A2M B 4 31.26 -14.26 -5.83
N3 A2M B 4 31.74 -13.07 -5.40
C4 A2M B 4 32.00 -12.86 -4.09
OP2 A2M B 4 32.62 -10.59 1.87
P OMG B 5 29.11 -7.94 -2.59
OP1 OMG B 5 28.50 -6.56 -2.47
OP2 OMG B 5 28.81 -8.98 -1.52
O5' OMG B 5 28.70 -8.55 -4.02
C5' OMG B 5 27.44 -9.17 -4.14
C4' OMG B 5 27.35 -9.80 -5.50
O4' OMG B 5 28.44 -10.67 -5.82
C3' OMG B 5 26.10 -10.67 -5.52
O3' OMG B 5 24.98 -9.85 -5.81
C2' OMG B 5 26.46 -11.73 -6.53
O2' OMG B 5 26.25 -11.26 -7.86
CM2 OMG B 5 25.85 -12.28 -8.77
C1' OMG B 5 27.92 -11.96 -6.19
N9 OMG B 5 28.00 -12.87 -5.02
C8 OMG B 5 28.42 -12.56 -3.77
N7 OMG B 5 28.34 -13.64 -2.95
C5 OMG B 5 27.85 -14.66 -3.67
C6 OMG B 5 27.49 -16.07 -3.44
O6 OMG B 5 27.66 -16.57 -2.31
N1 OMG B 5 27.01 -16.79 -4.46
C2 OMG B 5 26.82 -16.26 -5.69
N2 OMG B 5 26.33 -17.03 -6.70
N3 OMG B 5 27.13 -14.97 -5.97
C4 OMG B 5 27.63 -14.14 -5.02
P OMG B 6 23.70 -9.91 -4.87
OP1 OMG B 6 22.79 -8.76 -5.24
OP2 OMG B 6 24.16 -10.10 -3.44
O5' OMG B 6 23.01 -11.28 -5.33
C5' OMG B 6 22.70 -11.47 -6.71
C4' OMG B 6 22.29 -12.91 -6.95
O4' OMG B 6 23.38 -13.83 -6.75
C3' OMG B 6 21.22 -13.38 -5.98
O3' OMG B 6 19.93 -12.88 -6.34
C2' OMG B 6 21.37 -14.89 -6.05
O2' OMG B 6 20.72 -15.40 -7.22
CM2 OMG B 6 20.25 -16.74 -7.07
C1' OMG B 6 22.89 -15.04 -6.17
N9 OMG B 6 23.46 -15.26 -4.82
C8 OMG B 6 24.09 -14.34 -4.05
N7 OMG B 6 24.48 -14.90 -2.87
C5 OMG B 6 24.09 -16.19 -2.88
C6 OMG B 6 24.18 -17.34 -1.95
O6 OMG B 6 24.73 -17.23 -0.84
N1 OMG B 6 23.64 -18.51 -2.36
C2 OMG B 6 23.03 -18.64 -3.56
N2 OMG B 6 22.51 -19.85 -3.91
N3 OMG B 6 22.92 -17.63 -4.44
C4 OMG B 6 23.42 -16.41 -4.16
P OMG B 7 18.78 -12.75 -5.24
OP1 OMG B 7 17.60 -12.05 -5.87
OP2 OMG B 7 19.39 -12.20 -3.98
O5' OMG B 7 18.38 -14.28 -4.99
C5' OMG B 7 18.00 -14.76 -3.71
C4' OMG B 7 17.90 -16.26 -3.85
O4' OMG B 7 19.19 -16.87 -4.01
C3' OMG B 7 17.26 -16.92 -2.64
O3' OMG B 7 15.83 -16.88 -2.76
C2' OMG B 7 17.89 -18.29 -2.68
O2' OMG B 7 17.22 -19.11 -3.63
CM2 OMG B 7 17.52 -20.52 -3.54
C1' OMG B 7 19.31 -17.99 -3.14
N9 OMG B 7 20.20 -17.63 -2.00
C8 OMG B 7 20.75 -16.43 -1.75
N7 OMG B 7 21.51 -16.46 -0.63
C5 OMG B 7 21.45 -17.71 -0.13
C6 OMG B 7 22.01 -18.44 1.03
O6 OMG B 7 22.76 -17.85 1.84
N1 OMG B 7 21.69 -19.73 1.18
C2 OMG B 7 20.89 -20.38 0.32
N2 OMG B 7 20.61 -21.70 0.52
N3 OMG B 7 20.35 -19.78 -0.78
C4 OMG B 7 20.58 -18.48 -1.04
P A2M B 8 14.92 -16.82 -1.44
OP1 A2M B 8 13.47 -16.83 -1.87
O5' A2M B 8 15.24 -18.23 -0.75
C5' A2M B 8 14.73 -19.44 -1.31
C4' A2M B 8 15.17 -20.59 -0.43
O4' A2M B 8 16.59 -20.64 -0.26
C3' A2M B 8 14.64 -20.45 0.98
O3' A2M B 8 13.25 -20.76 1.05
C2' A2M B 8 15.58 -21.34 1.76
O2' A2M B 8 15.26 -22.73 1.64
C1' A2M B 8 16.91 -21.10 1.06
CM' A2M B 8 14.24 -23.23 2.52
N9 A2M B 8 17.75 -20.08 1.76
C8 A2M B 8 17.91 -18.79 1.38
N7 A2M B 8 18.76 -18.15 2.23
C5 A2M B 8 19.17 -19.04 3.15
C6 A2M B 8 20.07 -19.02 4.32
N6 A2M B 8 20.72 -17.89 4.68
N1 A2M B 8 20.20 -20.17 5.03
C2 A2M B 8 19.56 -21.32 4.68
N3 A2M B 8 18.73 -21.39 3.62
C4 A2M B 8 18.50 -20.32 2.83
OP2 A2M B 8 15.46 -15.74 -0.53
N1 OMC B 9 16.62 -19.63 6.34
C2 OMC B 9 17.75 -19.49 7.17
N3 OMC B 9 18.48 -18.35 7.18
C4 OMC B 9 18.11 -17.32 6.38
C5 OMC B 9 17.00 -17.43 5.54
C6 OMC B 9 16.26 -18.61 5.54
O2 OMC B 9 18.10 -20.43 7.94
N4 OMC B 9 18.84 -16.18 6.39
C1' OMC B 9 15.85 -20.89 6.36
C2' OMC B 9 14.97 -20.89 7.62
O2' OMC B 9 14.70 -22.20 8.07
CM2 OMC B 9 15.77 -22.84 8.78
C3' OMC B 9 13.70 -20.22 7.13
C4' OMC B 9 13.57 -20.81 5.74
O4' OMC B 9 14.93 -20.99 5.27
O3' OMC B 9 12.53 -20.52 7.90
C5' OMC B 9 12.75 -19.94 4.79
O5' OMC B 9 13.19 -20.25 3.48
P OMC B 9 12.33 -20.05 2.15
OP1 OMC B 9 11.05 -20.84 2.25
OP2 OMC B 9 12.31 -18.57 1.84
N1 OMC B 10 16.57 -19.31 11.75
C2 OMC B 10 17.76 -18.71 12.24
N3 OMC B 10 18.31 -17.65 11.61
C4 OMC B 10 17.75 -17.13 10.50
C5 OMC B 10 16.58 -17.70 9.99
C6 OMC B 10 16.02 -18.79 10.64
O2 OMC B 10 18.31 -19.16 13.27
N4 OMC B 10 18.31 -16.06 9.88
C1' OMC B 10 15.99 -20.47 12.44
C2' OMC B 10 15.12 -19.99 13.60
O2' OMC B 10 15.10 -20.93 14.67
CM2 OMC B 10 16.20 -20.82 15.58
C3' OMC B 10 13.76 -19.88 12.95
C4' OMC B 10 13.76 -21.11 12.05
O4' OMC B 10 15.11 -21.22 11.60
O3' OMC B 10 12.69 -19.86 13.89
C5' OMC B 10 12.79 -21.03 10.88
O5' OMC B 10 12.83 -19.74 10.26
P OMC B 10 11.95 -19.46 8.95
OP1 OMC B 10 10.53 -19.86 9.29
OP2 OMC B 10 12.24 -18.07 8.43
N1 OMU B 11 16.51 -15.53 14.57
C2 OMU B 11 17.38 -14.49 14.20
N3 OMU B 11 17.30 -13.91 12.99
C4 OMU B 11 16.37 -14.30 12.10
C5 OMU B 11 15.50 -15.33 12.44
C6 OMU B 11 15.57 -15.93 13.68
O2 OMU B 11 18.26 -14.08 15.00
O4 OMU B 11 16.29 -13.75 10.98
C1' OMU B 11 16.62 -16.15 15.90
C2' OMU B 11 15.94 -15.25 16.91
O2' OMU B 11 16.54 -15.36 18.20
CM2 OMU B 11 17.73 -14.59 18.38
C3' OMU B 11 14.54 -15.79 16.96
C4' OMU B 11 14.79 -17.30 16.85
O3' OMU B 11 13.87 -15.44 18.17
O4' OMU B 11 15.92 -17.41 15.98
C5' OMU B 11 13.60 -18.11 16.37
O5' OMU B 11 13.18 -17.70 15.07
P OMU B 11 12.00 -18.47 14.29
OP1 OMU B 11 10.88 -18.77 15.27
OP2 OMU B 11 11.70 -17.72 13.03
P A2M B 12 12.93 -14.15 18.23
OP1 A2M B 12 13.71 -12.98 17.65
O5' A2M B 12 11.77 -14.47 17.17
C5' A2M B 12 10.86 -15.55 17.34
C4' A2M B 12 9.51 -15.04 16.91
O4' A2M B 12 9.50 -14.73 15.52
C3' A2M B 12 8.37 -16.03 17.13
O3' A2M B 12 7.29 -15.34 17.76
C2' A2M B 12 7.93 -16.43 15.75
O2' A2M B 12 6.53 -16.72 15.67
C1' A2M B 12 8.26 -15.18 14.95
CM' A2M B 12 6.27 -18.12 15.62
N9 A2M B 12 8.41 -15.38 13.50
C8 A2M B 12 8.44 -16.54 12.81
N7 A2M B 12 8.60 -16.29 11.49
C5 A2M B 12 8.67 -14.97 11.32
C6 A2M B 12 8.84 -14.03 10.18
N6 A2M B 12 8.96 -14.49 8.91
N1 A2M B 12 8.88 -12.70 10.46
C2 A2M B 12 8.76 -12.22 11.71
N3 A2M B 12 8.60 -13.02 12.78
C4 A2M B 12 8.55 -14.36 12.65
OP2 A2M B 12 12.34 -14.06 19.60
P A2M B 13 6.95 -15.60 19.29
OP1 A2M B 13 8.26 -15.68 20.05
O5' A2M B 13 6.17 -14.28 19.72
C5' A2M B 13 6.85 -13.07 20.04
C4' A2M B 13 5.91 -11.88 19.89
O4' A2M B 13 5.56 -11.70 18.51
C3' A2M B 13 4.59 -12.03 20.63
O3' A2M B 13 4.12 -10.75 21.03
C2' A2M B 13 3.64 -12.55 19.58
O2' A2M B 13 2.29 -12.19 19.86
C1' A2M B 13 4.15 -11.87 18.32
CM' A2M B 13 1.37 -13.27 19.75
N9 A2M B 13 3.86 -12.67 17.12
C8 A2M B 13 4.69 -13.58 16.56
N7 A2M B 13 4.10 -14.15 15.48
C5 A2M B 13 2.90 -13.60 15.33
C6 A2M B 13 1.77 -13.75 14.39
N6 A2M B 13 1.84 -14.63 13.37
N1 A2M B 13 0.67 -12.98 14.59
C2 A2M B 13 0.58 -12.10 15.61
N3 A2M B 13 1.58 -11.92 16.49
C4 A2M B 13 2.73 -12.62 16.41
OP2 A2M B 13 5.99 -16.75 19.35
P OMG B 14 4.42 -10.19 22.50
OP1 OMG B 14 4.60 -11.35 23.44
OP2 OMG B 14 3.40 -9.12 22.78
O5' OMG B 14 5.85 -9.47 22.33
C5' OMG B 14 5.93 -8.11 21.87
C4' OMG B 14 7.16 -7.95 20.98
O4' OMG B 14 7.00 -8.82 19.85
C3' OMG B 14 7.30 -6.54 20.43
O3' OMG B 14 8.67 -6.26 20.14
C2' OMG B 14 6.59 -6.63 19.10
O2' OMG B 14 6.99 -5.67 18.13
CM2 OMG B 14 6.47 -4.37 18.39
C1' OMG B 14 7.04 -8.02 18.66
N9 OMG B 14 6.31 -8.59 17.52
C8 OMG B 14 5.08 -8.27 17.04
N7 OMG B 14 4.79 -9.03 15.97
C5 OMG B 14 5.83 -9.85 15.73
C6 OMG B 14 6.20 -10.89 14.75
O6 OMG B 14 5.41 -11.21 13.84
N1 OMG B 14 7.39 -11.49 14.87
C2 OMG B 14 8.27 -11.17 15.84
N2 OMG B 14 9.46 -11.81 15.89
N3 OMG B 14 8.01 -10.21 16.78
C4 OMG B 14 6.83 -9.54 16.76
P A2M B 15 9.66 -5.66 21.26
OP1 A2M B 15 9.38 -6.36 22.56
O5' A2M B 15 11.09 -6.11 20.72
C5' A2M B 15 11.40 -7.49 20.56
C4' A2M B 15 11.78 -7.83 19.12
O4' A2M B 15 10.74 -7.52 18.18
C3' A2M B 15 13.01 -7.10 18.63
O3' A2M B 15 14.20 -7.77 19.02
C2' A2M B 15 12.82 -7.09 17.13
O2' A2M B 15 13.35 -8.29 16.56
C1' A2M B 15 11.32 -7.04 16.96
CM' A2M B 15 13.64 -8.24 15.17
N9 A2M B 15 10.82 -5.66 16.68
C8 A2M B 15 9.94 -4.99 17.43
N7 A2M B 15 9.67 -3.77 16.91
C5 A2M B 15 10.40 -3.64 15.79
C6 A2M B 15 10.58 -2.60 14.77
N6 A2M B 15 9.90 -1.43 14.86
N1 A2M B 15 11.44 -2.85 13.75
C2 A2M B 15 12.10 -4.02 13.67
N3 A2M B 15 11.99 -5.01 14.57
C4 A2M B 15 11.15 -4.89 15.63
OP2 A2M B 15 9.56 -4.15 21.19
N1 OMC B 16 14.32 -2.59 16.76
C2 OMC B 16 13.87 -1.47 16.01
N3 OMC B 16 12.77 -0.81 16.38
C4 OMC B 16 12.07 -1.18 17.48
C5 OMC B 16 12.50 -2.27 18.24
C6 OMC B 16 13.65 -2.95 17.87
O2 OMC B 16 14.49 -1.11 14.99
N4 OMC B 16 10.97 -0.48 17.82
C1' OMC B 16 15.54 -3.27 16.34
C2' OMC B 16 16.63 -3.09 17.37
O2' OMC B 16 17.21 -1.79 17.31
CM2 OMC B 16 18.29 -1.60 18.23
C3' OMC B 16 17.60 -4.17 16.94
C4' OMC B 16 16.70 -5.28 16.43
O4' OMC B 16 15.43 -4.69 16.18
O3' OMC B 16 18.41 -3.60 15.90
C5' OMC B 16 16.56 -6.41 17.42
O5' OMC B 16 15.85 -5.94 18.57
P OMC B 16 15.38 -6.94 19.73
OP1 OMC B 16 16.50 -7.89 20.01
OP2 OMC B 16 14.76 -6.10 20.82
P A2M B 17 19.69 -4.36 15.35
OP1 A2M B 17 19.97 -5.53 16.26
O5' A2M B 17 19.18 -4.90 13.93
C5' A2M B 17 19.95 -4.84 12.75
C4' A2M B 17 19.39 -5.85 11.76
O4' A2M B 17 19.39 -7.16 12.34
C3' A2M B 17 17.94 -5.55 11.38
O3' A2M B 17 17.70 -5.96 10.03
C2' A2M B 17 17.17 -6.47 12.31
O2' A2M B 17 15.86 -6.80 11.83
C1' A2M B 17 18.06 -7.70 12.37
CM' A2M B 17 14.86 -5.87 12.22
N9 A2M B 17 17.76 -8.47 13.60
C8 A2M B 17 18.31 -8.24 14.80
N7 A2M B 17 17.82 -9.10 15.73
C5 A2M B 17 16.94 -9.90 15.10
C6 A2M B 17 16.06 -11.03 15.50
N6 A2M B 17 16.06 -11.45 16.79
N1 A2M B 17 15.29 -11.59 14.55
C2 A2M B 17 15.30 -11.16 13.27
N3 A2M B 17 16.08 -10.14 12.84
C4 A2M B 17 16.89 -9.47 13.70
OP2 A2M B 17 20.78 -3.33 15.13
N1 OMC B 18 19.83 -1.17 6.73
C2 OMC B 18 20.33 0.09 6.34
N3 OMC B 18 19.51 1.17 6.34
C4 OMC B 18 18.22 1.05 6.70
C5 OMC B 18 17.71 -0.18 7.07
C6 OMC B 18 18.54 -1.29 7.08
O2 OMC B 18 21.51 0.24 6.01
N4 OMC B 18 17.42 2.16 6.68
C1' OMC B 18 20.73 -2.34 6.73
C2' OMC B 18 21.09 -2.75 8.14
O2' OMC B 18 22.18 -1.98 8.64
CM2 OMC B 18 22.30 -2.03 10.06
C3' OMC B 18 21.44 -4.21 7.95
C4' OMC B 18 20.52 -4.67 6.83
O4' OMC B 18 20.12 -3.49 6.13
O3' OMC B 18 22.80 -4.31 7.55
C5' OMC B 18 19.27 -5.38 7.35
O5' OMC B 18 18.54 -4.48 8.19
P OMC B 18 17.20 -4.93 8.93
OP1 OMC B 18 16.63 -3.71 9.61
OP2 OMC B 18 16.36 -5.69 7.92
P A2M B 19 23.62 -5.69 7.67
OP1 A2M B 19 25.07 -5.39 7.39
O5' A2M B 19 23.43 -6.08 9.21
C5' A2M B 19 24.15 -5.44 10.23
C4' A2M B 19 24.10 -6.34 11.44
O4' A2M B 19 22.77 -6.55 11.91
C3' A2M B 19 24.63 -7.73 11.16
O3' A2M B 19 26.04 -7.71 11.08
C2' A2M B 19 24.05 -8.50 12.33
O2' A2M B 19 24.84 -8.23 13.50
C1' A2M B 19 22.66 -7.88 12.43
CM' A2M B 19 24.44 -8.90 14.71
N9 A2M B 19 21.66 -8.64 11.64
C8 A2M B 19 21.31 -8.42 10.35
N7 A2M B 19 20.36 -9.29 9.93
C5 A2M B 19 20.07 -10.09 10.98
C6 A2M B 19 19.15 -11.23 11.23
N6 A2M B 19 18.33 -11.69 10.26
N1 A2M B 19 19.15 -11.79 12.47
C2 A2M B 19 19.97 -11.35 13.45
N3 A2M B 19 20.82 -10.33 13.29
C4 A2M B 19 20.92 -9.67 12.10
OP2 A2M B 19 22.91 -6.74 6.86
N1 OMU B 20 23.55 -13.10 13.00
C2 OMU B 20 22.57 -14.05 13.37
N3 OMU B 20 21.56 -14.35 12.55
C4 OMU B 20 21.44 -13.77 11.35
C5 OMU B 20 22.37 -12.83 10.95
C6 OMU B 20 23.44 -12.51 11.80
O2 OMU B 20 22.65 -14.62 14.48
O4 OMU B 20 20.49 -14.06 10.60
C1' OMU B 20 24.65 -12.79 13.92
C2' OMU B 20 25.66 -13.93 13.93
O2' OMU B 20 26.36 -14.02 15.17
CM2 OMU B 20 25.70 -14.83 16.14
C3' OMU B 20 26.57 -13.52 12.81
C4' OMU B 20 26.64 -12.01 12.95
O3' OMU B 20 27.88 -14.08 12.89
O4' OMU B 20 25.37 -11.63 13.48
C5' OMU B 20 26.94 -11.36 11.61
O5' OMU B 20 26.85 -9.96 11.79
P OMU B 20 26.85 -8.98 10.53
OP1 OMU B 20 28.27 -8.55 10.25
OP2 OMU B 20 26.02 -9.61 9.43
P OMG B 21 28.37 -15.12 11.80
OP1 OMG B 21 29.79 -15.50 12.12
OP2 OMG B 21 28.02 -14.57 10.44
O5' OMG B 21 27.45 -16.40 12.08
C5' OMG B 21 27.61 -17.09 13.31
C4' OMG B 21 26.52 -18.13 13.50
O4' OMG B 21 25.24 -17.54 13.68
C3' OMG B 21 26.37 -19.08 12.32
O3' OMG B 21 27.34 -20.13 12.34
C2' OMG B 21 24.96 -19.58 12.52
O2' OMG B 21 24.92 -20.62 13.51
CM2 OMG B 21 23.65 -21.25 13.66
C1' OMG B 21 24.25 -18.31 12.98
N9 OMG B 21 23.76 -17.56 11.79
C8 OMG B 21 24.26 -16.41 11.30
N7 OMG B 21 23.57 -16.00 10.22
C5 OMG B 21 22.59 -16.90 9.99
C6 OMG B 21 21.51 -17.07 8.99
O6 OMG B 21 21.34 -16.23 8.08
N1 OMG B 21 20.71 -18.15 9.11
C2 OMG B 21 20.87 -19.06 10.09
N2 OMG B 21 20.03 -20.12 10.14
N3 OMG B 21 21.85 -18.96 11.04
C4 OMG B 21 22.72 -17.93 11.03
N1 OMU B 22 23.29 -21.60 8.75
C2 OMU B 22 22.26 -21.48 7.78
N3 OMU B 22 22.18 -20.39 7.01
C4 OMU B 22 23.06 -19.39 7.13
C5 OMU B 22 24.08 -19.48 8.06
C6 OMU B 22 24.18 -20.61 8.87
O2 OMU B 22 21.42 -22.39 7.64
O4 OMU B 22 22.98 -18.38 6.39
C1' OMU B 22 23.37 -22.80 9.61
C2' OMU B 22 23.93 -23.99 8.82
O2' OMU B 22 23.43 -25.22 9.33
CM2 OMU B 22 22.13 -25.60 8.83
C3' OMU B 22 25.41 -23.85 9.12
C4' OMU B 22 25.39 -23.50 10.59
O3' OMU B 22 26.18 -25.02 8.82
O4' OMU B 22 24.26 -22.61 10.72
C5' OMU B 22 26.68 -22.87 11.10
O5' OMU B 22 26.96 -21.67 10.40
P OMU B 22 28.04 -20.62 10.98
OP1 OMU B 22 29.28 -21.40 11.36
OP2 OMU B 22 28.13 -19.46 10.04
N1 OMC B 23 23.21 -23.45 4.35
C2 OMC B 23 22.54 -22.59 3.42
N3 OMC B 23 22.92 -21.31 3.28
C4 OMC B 23 23.93 -20.80 4.02
C5 OMC B 23 24.60 -21.62 4.94
C6 OMC B 23 24.21 -22.95 5.08
O2 OMC B 23 21.61 -23.03 2.71
N4 OMC B 23 24.30 -19.51 3.88
C1' OMC B 23 22.78 -24.85 4.47
C2' OMC B 23 23.35 -25.65 3.31
O2' OMC B 23 22.49 -26.72 2.93
CM2 OMC B 23 21.28 -26.36 2.26
C3' OMC B 23 24.64 -26.16 3.90
C4' OMC B 23 24.20 -26.51 5.32
O4' OMC B 23 23.28 -25.47 5.66
O3' OMC B 23 25.19 -27.30 3.22
C5' OMC B 23 25.36 -26.60 6.30
O5' OMC B 23 26.10 -25.39 6.33
P OMC B 23 27.12 -25.06 7.52
OP1 OMC B 23 28.07 -26.22 7.67
OP2 OMC B 23 27.66 -23.67 7.28
N1 OMC B 24 23.69 -23.42 -0.74
C2 OMC B 24 23.45 -22.15 -1.32
N3 OMC B 24 24.05 -21.04 -0.83
C4 OMC B 24 24.89 -21.11 0.21
C5 OMC B 24 25.16 -22.35 0.80
C6 OMC B 24 24.54 -23.49 0.30
O2 OMC B 24 22.67 -22.04 -2.29
N4 OMC B 24 25.50 -19.99 0.69
C1' OMC B 24 23.03 -24.61 -1.28
C2' OMC B 24 23.79 -25.10 -2.51
O2' OMC B 24 22.94 -25.78 -3.44
CM2 OMC B 24 21.99 -24.95 -4.10
C3' OMC B 24 24.77 -26.09 -1.90
C4' OMC B 24 23.86 -26.77 -0.89
O4' OMC B 24 23.04 -25.72 -0.36
O3' OMC B 24 25.34 -26.99 -2.85
C5' OMC B 24 24.62 -27.50 0.22
O5' OMC B 24 25.56 -26.64 0.83
P OMC B 24 26.36 -27.10 2.14
OP1 OMC B 24 26.98 -28.46 1.88
OP2 OMC B 24 27.23 -25.95 2.58
N1 OMC B 25 25.49 -21.63 -5.18
C2 OMC B 25 25.70 -20.23 -5.27
N3 OMC B 25 26.37 -19.58 -4.28
C4 OMC B 25 26.85 -20.25 -3.21
C5 OMC B 25 26.65 -21.63 -3.11
C6 OMC B 25 25.97 -22.29 -4.12
O2 OMC B 25 25.28 -19.58 -6.24
N4 OMC B 25 27.52 -19.59 -2.24
C1' OMC B 25 24.77 -22.33 -6.26
C2' OMC B 25 25.70 -22.61 -7.43
O2' OMC B 25 25.02 -22.67 -8.69
CM2 OMC B 25 24.59 -21.41 -9.20
C3' OMC B 25 26.23 -23.97 -7.05
C4' OMC B 25 24.97 -24.65 -6.54
O4' OMC B 25 24.29 -23.61 -5.81
O3' OMC B 25 26.80 -24.72 -8.11
C5' OMC B 25 25.30 -25.88 -5.70
O5' OMC B 25 26.23 -25.54 -4.68
P OMC B 25 26.71 -26.61 -3.61
OP1 OMC B 25 27.19 -27.85 -4.34
OP2 OMC B 25 27.61 -25.91 -2.63
N1 OMU B 26 28.91 -19.03 -7.69
C2 OMU B 26 29.49 -17.86 -7.16
N3 OMU B 26 29.96 -17.84 -5.90
C4 OMU B 26 29.88 -18.93 -5.12
C5 OMU B 26 29.32 -20.09 -5.60
C6 OMU B 26 28.82 -20.12 -6.90
O2 OMU B 26 29.60 -16.82 -7.84
O4 OMU B 26 30.33 -18.88 -3.96
C1' OMU B 26 28.39 -19.07 -9.08
C2' OMU B 26 29.50 -18.81 -10.09
O2' OMU B 26 29.00 -18.32 -11.33
CM2 OMU B 26 28.84 -16.90 -11.33
C3' OMU B 26 30.09 -20.19 -10.23
C4' OMU B 26 28.90 -21.11 -10.11
O3' OMU B 26 30.76 -20.50 -11.45
O4' OMU B 26 27.90 -20.39 -9.37
C5' OMU B 26 29.40 -22.38 -9.45
O5' OMU B 26 28.33 -23.32 -9.46
P OMU B 26 28.35 -24.56 -8.47
OP1 OMU B 26 28.78 -25.77 -9.24
OP2 OMU B 26 29.09 -24.18 -7.19
P OMG B 27 32.28 -20.98 -11.42
OP1 OMG B 27 32.58 -21.67 -12.73
OP2 OMG B 27 32.52 -21.69 -10.10
O5' OMG B 27 33.08 -19.59 -11.36
C5' OMG B 27 32.80 -18.57 -12.31
C4' OMG B 27 33.24 -17.22 -11.76
O4' OMG B 27 32.41 -16.78 -10.69
C3' OMG B 27 34.64 -17.24 -11.20
O3' OMG B 27 35.60 -17.21 -12.25
C2' OMG B 27 34.63 -16.04 -10.28
O2' OMG B 27 34.88 -14.83 -11.00
CM2 OMG B 27 35.00 -13.66 -10.19
C1' OMG B 27 33.21 -16.09 -9.73
N9 OMG B 27 33.22 -16.79 -8.42
C8 OMG B 27 32.79 -18.05 -8.17
N7 OMG B 27 32.96 -18.37 -6.86
C5 OMG B 27 33.51 -17.30 -6.25
C6 OMG B 27 33.96 -16.96 -4.88
O6 OMG B 27 33.86 -17.77 -3.95
N1 OMG B 27 34.49 -15.74 -4.67
C2 OMG B 27 34.62 -14.83 -5.67
N2 OMG B 27 35.15 -13.62 -5.40
N3 OMG B 27 34.23 -15.08 -6.95
C4 OMG B 27 33.68 -16.27 -7.29
P OMG B 28 37.10 -17.74 -12.01
OP1 OMG B 28 37.72 -18.02 -13.35
OP2 OMG B 28 37.05 -18.80 -10.95
O5' OMG B 28 37.82 -16.44 -11.42
C5' OMG B 28 38.79 -16.56 -10.40
C4' OMG B 28 38.96 -15.20 -9.77
O4' OMG B 28 37.81 -14.78 -9.03
C3' OMG B 28 40.10 -15.27 -8.78
O3' OMG B 28 41.31 -14.96 -9.47
C2' OMG B 28 39.70 -14.31 -7.69
O2' OMG B 28 40.09 -12.97 -7.99
CM2 OMG B 28 40.19 -12.15 -6.83
C1' OMG B 28 38.19 -14.48 -7.68
N9 OMG B 28 37.81 -15.62 -6.79
C8 OMG B 28 37.22 -16.77 -7.16
N7 OMG B 28 37.02 -17.58 -6.09
C5 OMG B 28 37.50 -16.95 -5.01
C6 OMG B 28 37.61 -17.25 -3.57
O6 OMG B 28 37.19 -18.32 -3.10
N1 OMG B 28 38.17 -16.31 -2.78
C2 OMG B 28 38.63 -15.14 -3.25
N2 OMG B 28 39.19 -14.24 -2.40
N3 OMG B 28 38.56 -14.81 -4.57
C4 OMG B 28 38.02 -15.66 -5.48
N1 OMC B 29 41.93 -16.50 -4.07
C2 OMC B 29 41.69 -17.01 -2.77
N3 OMC B 29 41.05 -18.20 -2.60
C4 OMC B 29 40.64 -18.91 -3.68
C5 OMC B 29 40.87 -18.42 -4.96
C6 OMC B 29 41.53 -17.22 -5.14
O2 OMC B 29 42.06 -16.37 -1.76
N4 OMC B 29 40.00 -20.09 -3.49
C1' OMC B 29 42.64 -15.22 -4.22
C2' OMC B 29 44.13 -15.48 -4.11
O2' OMC B 29 44.79 -14.42 -3.40
CM2 OMC B 29 44.62 -14.45 -1.98
C3' OMC B 29 44.58 -15.53 -5.55
C4' OMC B 29 43.70 -14.44 -6.14
O4' OMC B 29 42.43 -14.62 -5.50
O3' OMC B 29 45.98 -15.27 -5.76
C5' OMC B 29 43.59 -14.50 -7.65
O5' OMC B 29 43.17 -15.79 -8.04
P OMC B 29 42.50 -16.02 -9.48
OP1 OMC B 29 43.50 -15.59 -10.55
OP2 OMC B 29 41.91 -17.40 -9.51
C1 GOL C . 21.63 -17.36 16.37
O1 GOL C . 22.38 -18.52 16.02
C2 GOL C . 20.42 -17.19 15.47
O2 GOL C . 19.45 -18.19 15.77
C3 GOL C . 20.76 -17.24 13.99
O3 GOL C . 19.95 -16.34 13.24
#